data_4K8F
#
_entry.id   4K8F
#
_cell.length_a   71.230
_cell.length_b   71.230
_cell.length_c   143.733
_cell.angle_alpha   90.00
_cell.angle_beta   90.00
_cell.angle_gamma   90.00
#
_symmetry.space_group_name_H-M   'P 41'
#
loop_
_entity.id
_entity.type
_entity.pdbx_description
1 polymer 'Transcriptional regulator, Crp/Fnr family'
2 non-polymer 'PROTOPORPHYRIN IX CONTAINING FE'
3 water water
#
_entity_poly.entity_id   1
_entity_poly.type   'polypeptide(L)'
_entity_poly.pdbx_seq_one_letter_code
;PPRFNIANVLLSPDGETFFRGFRSKIHAKGSLVCTGEGDENGVFVVVDGRLRVYLVGEEREISLFYLTSGDMFCMHSGCL
VEATERTEVRFADIRTFEQKLQTCPSMAWGLIAILGRALTSCMRTIEDLMHHHHHH
;
_entity_poly.pdbx_strand_id   A,B,C,D
#
loop_
_chem_comp.id
_chem_comp.type
_chem_comp.name
_chem_comp.formula
HEM non-polymer 'PROTOPORPHYRIN IX CONTAINING FE' 'C34 H32 Fe N4 O4'
#
# COMPACT_ATOMS: atom_id res chain seq x y z
N PRO A 1 18.91 -8.75 -11.68
CA PRO A 1 17.97 -8.49 -10.59
C PRO A 1 18.56 -8.74 -9.20
N PRO A 2 17.92 -8.18 -8.15
CA PRO A 2 18.35 -8.39 -6.77
C PRO A 2 18.27 -9.86 -6.38
N ARG A 3 18.93 -10.22 -5.28
CA ARG A 3 18.75 -11.54 -4.71
C ARG A 3 17.35 -11.60 -4.10
N PHE A 4 16.87 -12.81 -3.89
CA PHE A 4 15.55 -12.99 -3.30
C PHE A 4 15.56 -14.17 -2.32
N ASN A 5 15.17 -13.90 -1.08
CA ASN A 5 15.00 -14.95 -0.09
C ASN A 5 13.54 -15.31 -0.01
N ILE A 6 13.18 -16.55 -0.36
CA ILE A 6 11.74 -16.87 -0.47
C ILE A 6 11.03 -16.80 0.88
N ALA A 7 11.81 -16.88 1.95
CA ALA A 7 11.25 -16.88 3.30
C ALA A 7 10.66 -15.53 3.74
N ASN A 8 11.14 -14.43 3.16
CA ASN A 8 10.53 -13.12 3.45
C ASN A 8 9.11 -13.10 2.92
N VAL A 9 8.82 -13.96 1.96
CA VAL A 9 7.47 -14.02 1.46
C VAL A 9 6.67 -15.04 2.28
N LEU A 10 7.19 -16.25 2.44
CA LEU A 10 6.44 -17.30 3.12
C LEU A 10 6.14 -16.97 4.60
N LEU A 11 7.05 -16.25 5.24
CA LEU A 11 6.84 -15.89 6.63
C LEU A 11 5.83 -14.75 6.79
N SER A 12 5.68 -13.96 5.74
CA SER A 12 4.75 -12.82 5.73
C SER A 12 3.30 -13.29 5.57
N PRO A 13 2.37 -12.51 6.13
CA PRO A 13 0.94 -12.82 6.05
C PRO A 13 0.40 -12.92 4.62
N ASP A 14 0.93 -12.12 3.69
CA ASP A 14 0.53 -12.26 2.27
C ASP A 14 0.99 -13.58 1.65
N GLY A 15 2.18 -14.03 2.04
CA GLY A 15 2.83 -15.15 1.39
C GLY A 15 2.47 -16.55 1.87
N GLU A 16 2.36 -16.72 3.19
CA GLU A 16 2.26 -18.04 3.82
C GLU A 16 1.35 -19.07 3.12
N THR A 17 0.29 -18.59 2.47
CA THR A 17 -0.68 -19.46 1.83
C THR A 17 -0.30 -19.80 0.38
N PHE A 18 0.75 -19.15 -0.11
CA PHE A 18 1.05 -19.15 -1.54
C PHE A 18 0.99 -20.53 -2.19
N PHE A 19 1.59 -21.53 -1.56
CA PHE A 19 1.63 -22.86 -2.17
C PHE A 19 0.55 -23.83 -1.70
N ARG A 20 -0.35 -23.34 -0.84
CA ARG A 20 -1.46 -24.16 -0.37
C ARG A 20 -2.05 -24.92 -1.55
N GLY A 21 -2.17 -26.23 -1.38
CA GLY A 21 -2.74 -27.10 -2.40
C GLY A 21 -1.85 -27.44 -3.59
N PHE A 22 -0.68 -26.85 -3.69
CA PHE A 22 0.27 -27.31 -4.70
C PHE A 22 0.55 -28.78 -4.44
N ARG A 23 0.52 -29.59 -5.50
CA ARG A 23 0.80 -31.01 -5.36
C ARG A 23 2.25 -31.22 -4.95
N SER A 24 2.53 -32.38 -4.40
CA SER A 24 3.89 -32.71 -3.99
C SER A 24 4.40 -33.91 -4.77
N LYS A 25 5.65 -33.84 -5.19
CA LYS A 25 6.25 -34.92 -5.95
C LYS A 25 7.66 -35.17 -5.43
N ILE A 26 8.08 -36.42 -5.38
CA ILE A 26 9.47 -36.72 -5.03
C ILE A 26 10.20 -37.25 -6.25
N HIS A 27 11.43 -36.78 -6.43
CA HIS A 27 12.26 -37.15 -7.59
C HIS A 27 13.50 -37.94 -7.16
N ALA A 28 13.58 -39.19 -7.59
CA ALA A 28 14.74 -40.02 -7.31
C ALA A 28 15.99 -39.37 -7.88
N LYS A 29 17.10 -39.49 -7.17
CA LYS A 29 18.38 -39.06 -7.72
C LYS A 29 18.54 -39.61 -9.14
N GLY A 30 19.18 -38.84 -10.00
CA GLY A 30 19.43 -39.28 -11.36
C GLY A 30 18.23 -39.19 -12.28
N SER A 31 17.04 -39.00 -11.70
CA SER A 31 15.81 -38.94 -12.50
C SER A 31 15.61 -37.58 -13.16
N LEU A 32 14.98 -37.58 -14.33
CA LEU A 32 14.72 -36.35 -15.08
C LEU A 32 13.43 -35.67 -14.69
N VAL A 33 13.51 -34.51 -14.04
CA VAL A 33 12.32 -33.71 -13.82
C VAL A 33 11.78 -33.26 -15.16
N CYS A 34 12.68 -32.72 -15.99
CA CYS A 34 12.33 -32.20 -17.30
C CYS A 34 13.29 -32.68 -18.37
N THR A 35 12.73 -33.18 -19.47
CA THR A 35 13.47 -33.24 -20.72
C THR A 35 13.04 -32.05 -21.59
N GLY A 36 13.83 -31.74 -22.61
CA GLY A 36 13.58 -30.54 -23.40
C GLY A 36 12.35 -30.60 -24.28
N GLU A 37 11.36 -31.38 -23.84
CA GLU A 37 10.26 -31.77 -24.70
C GLU A 37 8.87 -31.67 -24.03
N GLY A 38 8.08 -32.72 -24.19
CA GLY A 38 6.71 -32.72 -23.76
C GLY A 38 6.50 -33.39 -22.41
N ASP A 39 7.20 -32.87 -21.41
CA ASP A 39 7.06 -33.30 -20.02
C ASP A 39 5.64 -33.01 -19.61
N GLU A 40 5.25 -31.78 -19.90
CA GLU A 40 3.90 -31.27 -19.75
C GLU A 40 4.08 -29.76 -19.72
N ASN A 41 3.39 -29.13 -18.78
CA ASN A 41 3.63 -27.74 -18.46
C ASN A 41 3.23 -27.53 -17.00
N GLY A 42 3.88 -26.58 -16.37
CA GLY A 42 3.65 -26.34 -14.97
C GLY A 42 4.86 -25.69 -14.34
N VAL A 43 4.64 -25.17 -13.14
CA VAL A 43 5.70 -24.56 -12.34
C VAL A 43 5.90 -25.39 -11.08
N PHE A 44 7.14 -25.47 -10.61
CA PHE A 44 7.38 -26.14 -9.33
C PHE A 44 8.37 -25.34 -8.49
N VAL A 45 8.46 -25.72 -7.21
CA VAL A 45 9.42 -25.09 -6.30
C VAL A 45 10.13 -26.19 -5.56
N VAL A 46 11.44 -26.04 -5.40
CA VAL A 46 12.20 -27.02 -4.67
C VAL A 46 12.00 -26.86 -3.17
N VAL A 47 11.49 -27.93 -2.55
CA VAL A 47 11.28 -28.02 -1.12
C VAL A 47 12.62 -28.36 -0.48
N ASP A 48 13.19 -29.48 -0.88
CA ASP A 48 14.57 -29.83 -0.53
C ASP A 48 15.21 -30.68 -1.62
N GLY A 49 16.52 -30.86 -1.53
CA GLY A 49 17.24 -31.65 -2.50
C GLY A 49 17.98 -30.70 -3.42
N ARG A 50 18.30 -31.16 -4.63
CA ARG A 50 19.07 -30.38 -5.59
C ARG A 50 18.88 -30.88 -7.02
N LEU A 51 18.66 -29.96 -7.95
CA LEU A 51 18.46 -30.30 -9.36
C LEU A 51 19.45 -29.56 -10.26
N ARG A 52 19.83 -30.19 -11.36
CA ARG A 52 20.75 -29.58 -12.30
C ARG A 52 20.04 -29.20 -13.60
N VAL A 53 20.22 -27.95 -14.01
CA VAL A 53 19.65 -27.45 -15.24
C VAL A 53 20.74 -27.29 -16.28
N TYR A 54 20.59 -27.97 -17.41
CA TYR A 54 21.64 -28.02 -18.41
C TYR A 54 21.08 -28.18 -19.80
N LEU A 55 21.93 -27.91 -20.80
CA LEU A 55 21.61 -28.11 -22.20
C LEU A 55 22.48 -29.20 -22.83
N VAL A 56 22.09 -29.68 -24.00
CA VAL A 56 22.88 -30.66 -24.73
C VAL A 56 23.25 -30.13 -26.11
N GLY A 57 23.38 -31.03 -27.09
CA GLY A 57 23.84 -30.66 -28.42
C GLY A 57 25.20 -31.25 -28.72
N GLU A 58 25.35 -31.81 -29.92
CA GLU A 58 26.55 -32.57 -30.24
C GLU A 58 26.75 -33.70 -29.20
N GLU A 59 25.65 -34.10 -28.56
CA GLU A 59 25.68 -35.05 -27.45
C GLU A 59 26.57 -34.59 -26.30
N ARG A 60 26.68 -33.29 -26.11
CA ARG A 60 27.51 -32.75 -25.04
C ARG A 60 26.71 -31.83 -24.08
N GLU A 61 26.86 -32.09 -22.78
CA GLU A 61 26.11 -31.38 -21.75
C GLU A 61 26.82 -30.12 -21.29
N ILE A 62 26.10 -29.02 -21.21
CA ILE A 62 26.57 -27.80 -20.58
C ILE A 62 25.72 -27.47 -19.35
N SER A 63 26.30 -27.48 -18.16
CA SER A 63 25.60 -27.05 -16.95
C SER A 63 25.34 -25.55 -16.96
N LEU A 64 24.10 -25.16 -16.69
CA LEU A 64 23.76 -23.74 -16.61
C LEU A 64 23.83 -23.31 -15.14
N PHE A 65 23.03 -23.96 -14.30
CA PHE A 65 22.97 -23.65 -12.87
C PHE A 65 22.25 -24.76 -12.12
N TYR A 66 22.17 -24.61 -10.80
CA TYR A 66 21.49 -25.60 -9.95
C TYR A 66 20.30 -24.99 -9.22
N LEU A 67 19.30 -25.81 -8.96
CA LEU A 67 18.09 -25.41 -8.28
C LEU A 67 18.06 -26.10 -6.93
N THR A 68 18.32 -25.35 -5.87
CA THR A 68 18.19 -25.85 -4.51
C THR A 68 16.94 -25.26 -3.87
N SER A 69 16.80 -25.50 -2.57
CA SER A 69 15.55 -25.28 -1.85
C SER A 69 15.04 -23.84 -1.87
N GLY A 70 13.79 -23.67 -2.28
CA GLY A 70 13.23 -22.34 -2.41
C GLY A 70 13.26 -21.79 -3.85
N ASP A 71 13.96 -22.49 -4.72
CA ASP A 71 14.05 -22.04 -6.11
C ASP A 71 12.84 -22.48 -6.91
N MET A 72 12.41 -21.60 -7.80
CA MET A 72 11.27 -21.87 -8.67
C MET A 72 11.73 -22.12 -10.09
N PHE A 73 11.11 -23.08 -10.75
CA PHE A 73 11.37 -23.30 -12.18
C PHE A 73 10.11 -23.82 -12.90
N CYS A 74 10.21 -24.02 -14.22
CA CYS A 74 9.10 -24.54 -14.96
C CYS A 74 9.41 -25.79 -15.79
N MET A 75 8.35 -26.34 -16.39
CA MET A 75 8.42 -27.56 -17.16
C MET A 75 8.54 -27.28 -18.65
N HIS A 76 8.77 -26.02 -19.04
CA HIS A 76 8.64 -25.65 -20.45
C HIS A 76 9.74 -24.77 -21.03
N SER A 77 10.84 -24.65 -20.32
CA SER A 77 11.95 -23.82 -20.76
C SER A 77 12.68 -24.47 -21.93
N GLY A 78 12.53 -25.79 -22.02
CA GLY A 78 13.28 -26.54 -23.01
C GLY A 78 14.69 -26.87 -22.53
N CYS A 79 14.96 -26.60 -21.27
CA CYS A 79 16.20 -27.06 -20.64
C CYS A 79 15.96 -28.43 -20.07
N LEU A 80 17.06 -29.14 -19.81
CA LEU A 80 17.01 -30.41 -19.11
C LEU A 80 17.16 -30.21 -17.62
N VAL A 81 16.35 -30.94 -16.88
CA VAL A 81 16.42 -30.85 -15.44
C VAL A 81 16.47 -32.25 -14.85
N GLU A 82 17.55 -32.51 -14.13
CA GLU A 82 17.73 -33.82 -13.52
C GLU A 82 18.06 -33.69 -12.04
N ALA A 83 17.52 -34.61 -11.23
CA ALA A 83 17.79 -34.59 -9.80
C ALA A 83 19.20 -35.12 -9.53
N THR A 84 19.96 -34.44 -8.68
CA THR A 84 21.31 -34.87 -8.37
C THR A 84 21.29 -35.45 -6.97
N GLU A 85 20.20 -35.15 -6.27
CA GLU A 85 19.88 -35.79 -5.00
C GLU A 85 18.41 -36.13 -5.09
N ARG A 86 17.95 -36.99 -4.20
CA ARG A 86 16.52 -37.13 -4.00
C ARG A 86 16.01 -35.75 -3.63
N THR A 87 15.11 -35.20 -4.44
CA THR A 87 14.57 -33.88 -4.17
C THR A 87 13.05 -33.86 -4.23
N GLU A 88 12.43 -33.08 -3.34
CA GLU A 88 10.99 -32.90 -3.39
C GLU A 88 10.61 -31.55 -3.98
N VAL A 89 9.58 -31.55 -4.83
CA VAL A 89 9.04 -30.31 -5.37
C VAL A 89 7.57 -30.18 -5.00
N ARG A 90 7.10 -28.93 -4.89
CA ARG A 90 5.66 -28.68 -5.01
C ARG A 90 5.43 -28.14 -6.42
N PHE A 91 4.35 -28.62 -7.06
CA PHE A 91 4.04 -28.20 -8.43
C PHE A 91 2.56 -27.85 -8.65
N ALA A 92 2.32 -27.06 -9.69
CA ALA A 92 0.98 -26.73 -10.14
C ALA A 92 1.07 -26.24 -11.59
N ASP A 93 -0.05 -26.27 -12.30
CA ASP A 93 -0.05 -25.82 -13.68
C ASP A 93 0.18 -24.31 -13.77
N ILE A 94 0.50 -23.86 -14.98
CA ILE A 94 0.80 -22.46 -15.23
C ILE A 94 -0.25 -21.53 -14.65
N ARG A 95 -1.51 -21.95 -14.76
CA ARG A 95 -2.64 -21.07 -14.50
C ARG A 95 -2.87 -20.81 -13.02
N THR A 96 -2.91 -21.88 -12.23
CA THR A 96 -2.96 -21.74 -10.78
C THR A 96 -1.84 -20.83 -10.28
N PHE A 97 -0.64 -21.07 -10.80
CA PHE A 97 0.52 -20.31 -10.38
C PHE A 97 0.40 -18.83 -10.69
N GLU A 98 -0.07 -18.52 -11.90
CA GLU A 98 -0.39 -17.16 -12.30
C GLU A 98 -1.35 -16.54 -11.27
N GLN A 99 -2.42 -17.29 -10.94
CA GLN A 99 -3.40 -16.81 -9.97
C GLN A 99 -2.73 -16.39 -8.69
N LYS A 100 -2.01 -17.33 -8.08
CA LYS A 100 -1.32 -17.09 -6.81
C LYS A 100 -0.42 -15.85 -6.90
N LEU A 101 0.33 -15.73 -7.99
CA LEU A 101 1.21 -14.59 -8.20
C LEU A 101 0.53 -13.23 -8.10
N GLN A 102 -0.63 -13.10 -8.75
CA GLN A 102 -1.34 -11.82 -8.75
C GLN A 102 -1.97 -11.54 -7.39
N THR A 103 -2.23 -12.59 -6.60
CA THR A 103 -2.73 -12.39 -5.24
C THR A 103 -1.59 -12.10 -4.24
N CYS A 104 -0.36 -12.44 -4.64
CA CYS A 104 0.80 -12.13 -3.81
C CYS A 104 1.97 -11.80 -4.71
N PRO A 105 2.02 -10.55 -5.21
CA PRO A 105 3.00 -10.09 -6.21
C PRO A 105 4.42 -10.03 -5.65
N SER A 106 4.54 -9.92 -4.34
CA SER A 106 5.87 -9.93 -3.74
C SER A 106 6.58 -11.23 -4.07
N MET A 107 5.82 -12.30 -4.27
CA MET A 107 6.40 -13.59 -4.61
C MET A 107 6.90 -13.60 -6.07
N ALA A 108 6.56 -12.56 -6.83
CA ALA A 108 7.03 -12.46 -8.21
C ALA A 108 8.55 -12.19 -8.31
N TRP A 109 9.14 -11.61 -7.26
CA TRP A 109 10.59 -11.35 -7.30
C TRP A 109 11.41 -12.63 -7.27
N GLY A 110 10.79 -13.70 -6.80
CA GLY A 110 11.48 -14.96 -6.79
C GLY A 110 11.64 -15.45 -8.20
N LEU A 111 10.64 -15.14 -9.01
CA LEU A 111 10.63 -15.59 -10.38
C LEU A 111 11.63 -14.73 -11.15
N ILE A 112 11.57 -13.43 -10.89
CA ILE A 112 12.56 -12.47 -11.37
C ILE A 112 14.00 -12.91 -11.02
N ALA A 113 14.23 -13.31 -9.76
CA ALA A 113 15.58 -13.72 -9.36
C ALA A 113 16.06 -14.99 -10.09
N ILE A 114 15.18 -15.95 -10.29
CA ILE A 114 15.62 -17.21 -10.90
C ILE A 114 15.92 -17.02 -12.39
N LEU A 115 15.27 -16.04 -13.01
CA LEU A 115 15.54 -15.74 -14.42
C LEU A 115 16.84 -14.96 -14.56
N GLY A 116 17.05 -14.03 -13.62
CA GLY A 116 18.31 -13.32 -13.51
C GLY A 116 19.45 -14.30 -13.38
N ARG A 117 19.29 -15.28 -12.49
CA ARG A 117 20.37 -16.22 -12.23
C ARG A 117 20.65 -17.07 -13.48
N ALA A 118 19.60 -17.61 -14.10
CA ALA A 118 19.75 -18.40 -15.32
C ALA A 118 20.25 -17.55 -16.52
N LEU A 119 19.89 -16.27 -16.52
CA LEU A 119 20.41 -15.36 -17.52
C LEU A 119 21.92 -15.14 -17.38
N THR A 120 22.37 -14.74 -16.20
CA THR A 120 23.79 -14.44 -16.04
C THR A 120 24.65 -15.67 -16.38
N SER A 121 24.12 -16.85 -16.09
CA SER A 121 24.82 -18.10 -16.36
C SER A 121 25.03 -18.24 -17.85
N CYS A 122 23.93 -18.25 -18.59
CA CYS A 122 24.02 -18.40 -20.03
C CYS A 122 25.00 -17.40 -20.63
N MET A 123 24.93 -16.15 -20.20
CA MET A 123 25.82 -15.11 -20.74
C MET A 123 27.27 -15.42 -20.46
N ARG A 124 27.57 -15.85 -19.24
CA ARG A 124 28.93 -16.25 -18.89
C ARG A 124 29.34 -17.50 -19.66
N THR A 125 28.39 -18.41 -19.84
CA THR A 125 28.58 -19.57 -20.69
C THR A 125 28.99 -19.15 -22.09
N ILE A 126 28.21 -18.25 -22.67
CA ILE A 126 28.49 -17.76 -24.02
C ILE A 126 29.88 -17.12 -24.15
N GLU A 127 30.27 -16.28 -23.18
CA GLU A 127 31.61 -15.71 -23.19
C GLU A 127 32.67 -16.80 -23.31
N ASP A 128 32.40 -17.95 -22.70
CA ASP A 128 33.38 -19.03 -22.57
C ASP A 128 33.45 -19.89 -23.83
N LEU A 129 32.32 -20.02 -24.52
CA LEU A 129 32.27 -20.73 -25.77
C LEU A 129 32.93 -19.93 -26.89
N MET A 130 33.33 -18.69 -26.59
CA MET A 130 33.95 -17.82 -27.58
C MET A 130 35.45 -17.72 -27.38
N HIS A 131 35.90 -17.90 -26.13
CA HIS A 131 37.30 -17.66 -25.79
C HIS A 131 38.23 -18.74 -26.30
N HIS A 132 37.67 -19.82 -26.84
CA HIS A 132 38.46 -20.75 -27.60
C HIS A 132 38.60 -20.20 -29.02
N PRO B 1 8.06 -17.37 -19.43
CA PRO B 1 7.06 -16.56 -18.75
C PRO B 1 6.01 -16.04 -19.72
N PRO B 2 4.92 -15.48 -19.20
CA PRO B 2 3.84 -15.00 -20.07
C PRO B 2 4.24 -13.71 -20.76
N ARG B 3 3.63 -13.48 -21.92
CA ARG B 3 3.79 -12.23 -22.65
C ARG B 3 3.16 -11.08 -21.86
N PHE B 4 3.74 -9.90 -22.00
CA PHE B 4 3.36 -8.75 -21.21
C PHE B 4 3.07 -7.56 -22.12
N ASN B 5 1.92 -6.93 -21.94
CA ASN B 5 1.60 -5.70 -22.65
C ASN B 5 1.63 -4.51 -21.71
N ILE B 6 2.62 -3.64 -21.88
CA ILE B 6 2.82 -2.53 -20.95
C ILE B 6 1.65 -1.54 -20.92
N ALA B 7 0.86 -1.49 -22.00
CA ALA B 7 -0.32 -0.63 -22.03
C ALA B 7 -1.33 -1.04 -20.97
N ASN B 8 -1.44 -2.34 -20.70
CA ASN B 8 -2.38 -2.79 -19.68
C ASN B 8 -2.14 -2.01 -18.38
N VAL B 9 -0.86 -1.80 -18.06
CA VAL B 9 -0.51 -1.11 -16.84
C VAL B 9 -0.63 0.40 -16.97
N LEU B 10 0.05 0.99 -17.96
CA LEU B 10 0.01 2.44 -18.18
C LEU B 10 -1.40 3.03 -18.29
N LEU B 11 -2.36 2.21 -18.70
CA LEU B 11 -3.72 2.67 -18.81
C LEU B 11 -4.49 2.47 -17.47
N SER B 12 -4.00 1.53 -16.68
CA SER B 12 -4.54 1.37 -15.34
C SER B 12 -4.31 2.61 -14.49
N PRO B 13 -5.31 2.98 -13.68
CA PRO B 13 -5.10 4.01 -12.65
C PRO B 13 -3.87 3.68 -11.78
N ASP B 14 -3.69 2.40 -11.45
CA ASP B 14 -2.53 1.93 -10.69
C ASP B 14 -1.18 2.35 -11.26
N GLY B 15 -1.03 2.26 -12.57
CA GLY B 15 0.29 2.43 -13.15
C GLY B 15 0.49 3.59 -14.12
N GLU B 16 -0.50 4.47 -14.25
CA GLU B 16 -0.45 5.45 -15.32
C GLU B 16 0.73 6.41 -15.14
N THR B 17 1.15 6.57 -13.90
CA THR B 17 2.17 7.54 -13.55
C THR B 17 3.54 6.90 -13.42
N PHE B 18 3.62 5.60 -13.71
CA PHE B 18 4.80 4.83 -13.37
C PHE B 18 6.13 5.50 -13.75
N PHE B 19 6.19 6.09 -14.95
CA PHE B 19 7.42 6.74 -15.40
C PHE B 19 7.46 8.25 -15.14
N ARG B 20 6.54 8.73 -14.31
CA ARG B 20 6.55 10.13 -13.88
C ARG B 20 7.94 10.41 -13.38
N GLY B 21 8.49 11.53 -13.86
CA GLY B 21 9.83 11.96 -13.50
C GLY B 21 11.01 11.27 -14.19
N PHE B 22 10.78 10.14 -14.85
CA PHE B 22 11.90 9.51 -15.56
C PHE B 22 12.43 10.52 -16.56
N ARG B 23 13.72 10.48 -16.85
CA ARG B 23 14.21 11.43 -17.82
C ARG B 23 14.19 10.86 -19.25
N SER B 24 14.04 11.72 -20.25
CA SER B 24 14.05 11.28 -21.65
C SER B 24 15.43 11.47 -22.29
N LYS B 25 15.84 10.53 -23.13
CA LYS B 25 17.07 10.68 -23.90
C LYS B 25 16.94 10.11 -25.30
N ILE B 26 17.52 10.78 -26.29
CA ILE B 26 17.48 10.31 -27.67
C ILE B 26 18.82 9.78 -28.13
N HIS B 27 18.87 8.53 -28.60
CA HIS B 27 20.07 7.95 -29.18
C HIS B 27 19.90 7.85 -30.69
N ALA B 28 20.90 8.27 -31.45
CA ALA B 28 20.78 8.23 -32.90
C ALA B 28 21.27 6.90 -33.43
N LYS B 29 20.70 6.49 -34.56
CA LYS B 29 21.07 5.21 -35.15
C LYS B 29 22.59 5.07 -35.06
N GLY B 30 23.03 3.95 -34.50
CA GLY B 30 24.45 3.64 -34.49
C GLY B 30 25.09 3.91 -33.15
N SER B 31 24.49 4.75 -32.32
CA SER B 31 25.12 5.08 -31.04
C SER B 31 25.01 3.95 -30.01
N LEU B 32 26.06 3.81 -29.20
CA LEU B 32 26.07 2.86 -28.10
C LEU B 32 25.29 3.43 -26.92
N VAL B 33 24.38 2.62 -26.36
CA VAL B 33 23.59 3.00 -25.18
C VAL B 33 24.26 2.45 -23.93
N CYS B 34 24.84 1.27 -24.09
CA CYS B 34 25.57 0.63 -23.02
C CYS B 34 26.95 0.16 -23.47
N THR B 35 27.94 0.40 -22.62
CA THR B 35 29.21 -0.32 -22.69
C THR B 35 29.19 -1.46 -21.67
N GLY B 36 30.34 -2.09 -21.49
CA GLY B 36 30.55 -2.97 -20.35
C GLY B 36 31.27 -2.17 -19.28
N GLU B 37 32.36 -1.52 -19.67
CA GLU B 37 33.09 -0.63 -18.77
C GLU B 37 32.59 0.80 -18.86
N GLY B 38 31.37 1.02 -18.38
CA GLY B 38 30.80 2.36 -18.28
C GLY B 38 30.43 2.60 -16.84
N ASP B 39 30.14 1.50 -16.13
CA ASP B 39 29.81 1.53 -14.71
C ASP B 39 28.80 2.60 -14.31
N GLU B 40 27.74 2.74 -15.10
CA GLU B 40 26.59 3.51 -14.64
C GLU B 40 25.42 2.58 -14.42
N ASN B 41 24.73 2.77 -13.31
CA ASN B 41 23.66 1.86 -12.96
C ASN B 41 22.30 2.47 -13.15
N GLY B 42 21.44 1.75 -13.86
CA GLY B 42 20.13 2.28 -14.18
C GLY B 42 19.24 1.39 -15.03
N VAL B 43 17.97 1.77 -15.04
CA VAL B 43 16.98 1.12 -15.87
C VAL B 43 16.49 2.11 -16.91
N PHE B 44 16.12 1.62 -18.08
CA PHE B 44 15.41 2.44 -19.05
C PHE B 44 14.35 1.63 -19.78
N VAL B 45 13.37 2.33 -20.32
CA VAL B 45 12.33 1.69 -21.10
C VAL B 45 12.34 2.29 -22.48
N VAL B 46 12.17 1.46 -23.51
CA VAL B 46 12.14 2.00 -24.86
C VAL B 46 10.82 2.69 -25.16
N VAL B 47 10.89 3.91 -25.65
CA VAL B 47 9.69 4.64 -26.01
C VAL B 47 9.36 4.27 -27.45
N ASP B 48 10.39 4.31 -28.29
CA ASP B 48 10.24 4.07 -29.72
C ASP B 48 11.64 3.85 -30.28
N GLY B 49 11.77 3.01 -31.28
CA GLY B 49 13.06 2.75 -31.89
C GLY B 49 13.38 1.30 -31.79
N ARG B 50 14.68 0.98 -31.73
CA ARG B 50 15.10 -0.40 -31.70
C ARG B 50 16.57 -0.48 -31.28
N LEU B 51 16.82 -1.24 -30.22
CA LEU B 51 18.16 -1.44 -29.70
C LEU B 51 18.59 -2.89 -29.89
N ARG B 52 19.88 -3.07 -30.10
CA ARG B 52 20.42 -4.40 -30.25
C ARG B 52 21.28 -4.69 -29.04
N VAL B 53 21.13 -5.89 -28.49
CA VAL B 53 21.87 -6.34 -27.34
C VAL B 53 22.80 -7.47 -27.79
N TYR B 54 24.05 -7.36 -27.41
CA TYR B 54 25.05 -8.30 -27.86
C TYR B 54 26.24 -8.34 -26.90
N LEU B 55 27.11 -9.31 -27.10
CA LEU B 55 28.33 -9.43 -26.28
C LEU B 55 29.58 -9.50 -27.16
N VAL B 56 30.74 -9.36 -26.52
CA VAL B 56 31.98 -9.28 -27.26
C VAL B 56 33.18 -9.84 -26.53
N GLY B 57 34.03 -10.51 -27.29
CA GLY B 57 35.34 -10.94 -26.85
C GLY B 57 36.02 -11.48 -28.09
N GLU B 58 37.35 -11.63 -28.05
CA GLU B 58 38.09 -12.15 -29.19
C GLU B 58 37.68 -11.45 -30.49
N GLU B 59 37.28 -10.19 -30.38
CA GLU B 59 36.85 -9.39 -31.53
C GLU B 59 35.79 -10.11 -32.36
N ARG B 60 34.81 -10.71 -31.70
CA ARG B 60 33.68 -11.31 -32.39
C ARG B 60 32.38 -10.88 -31.72
N GLU B 61 31.70 -9.91 -32.33
CA GLU B 61 30.40 -9.48 -31.85
C GLU B 61 29.39 -10.61 -32.05
N ILE B 62 28.52 -10.81 -31.07
CA ILE B 62 27.41 -11.74 -31.23
C ILE B 62 26.09 -11.16 -30.75
N SER B 63 25.11 -11.12 -31.65
CA SER B 63 23.79 -10.59 -31.31
C SER B 63 22.94 -11.59 -30.51
N LEU B 64 22.23 -11.08 -29.51
CA LEU B 64 21.39 -11.91 -28.65
C LEU B 64 19.91 -11.69 -28.99
N PHE B 65 19.47 -10.44 -28.87
CA PHE B 65 18.09 -10.08 -29.13
C PHE B 65 17.98 -8.58 -29.25
N TYR B 66 16.76 -8.09 -29.45
CA TYR B 66 16.55 -6.65 -29.64
C TYR B 66 15.49 -6.11 -28.68
N LEU B 67 15.49 -4.79 -28.51
CA LEU B 67 14.58 -4.13 -27.61
C LEU B 67 13.78 -3.15 -28.45
N THR B 68 12.47 -3.09 -28.24
CA THR B 68 11.60 -2.18 -29.00
C THR B 68 10.59 -1.53 -28.10
N SER B 69 9.70 -0.75 -28.70
CA SER B 69 8.77 0.06 -27.93
C SER B 69 8.22 -0.75 -26.75
N GLY B 70 8.27 -0.17 -25.56
CA GLY B 70 7.78 -0.79 -24.33
C GLY B 70 8.74 -1.70 -23.54
N ASP B 71 9.82 -2.16 -24.15
CA ASP B 71 10.70 -3.10 -23.47
C ASP B 71 11.57 -2.43 -22.42
N MET B 72 11.81 -3.13 -21.33
CA MET B 72 12.65 -2.64 -20.24
C MET B 72 14.00 -3.33 -20.18
N PHE B 73 14.98 -2.61 -19.65
CA PHE B 73 16.33 -3.13 -19.55
C PHE B 73 17.18 -2.26 -18.64
N CYS B 74 18.43 -2.69 -18.45
CA CYS B 74 19.30 -2.06 -17.47
C CYS B 74 20.71 -1.79 -17.97
N MET B 75 21.44 -1.07 -17.14
CA MET B 75 22.77 -0.62 -17.49
C MET B 75 23.84 -1.52 -16.87
N HIS B 76 23.41 -2.60 -16.20
CA HIS B 76 24.38 -3.43 -15.50
C HIS B 76 24.41 -4.91 -15.90
N SER B 77 23.92 -5.23 -17.09
CA SER B 77 23.88 -6.63 -17.50
C SER B 77 25.21 -7.06 -18.04
N GLY B 78 26.15 -6.14 -18.11
CA GLY B 78 27.40 -6.39 -18.80
C GLY B 78 27.23 -6.50 -20.32
N CYS B 79 25.98 -6.61 -20.75
CA CYS B 79 25.66 -6.63 -22.17
C CYS B 79 25.87 -5.29 -22.83
N LEU B 80 26.09 -5.34 -24.14
CA LEU B 80 26.35 -4.16 -24.92
C LEU B 80 25.12 -3.84 -25.74
N VAL B 81 24.79 -2.56 -25.84
CA VAL B 81 23.55 -2.15 -26.47
C VAL B 81 23.84 -1.03 -27.44
N GLU B 82 23.38 -1.19 -28.67
CA GLU B 82 23.52 -0.13 -29.66
C GLU B 82 22.19 0.12 -30.35
N ALA B 83 21.92 1.39 -30.66
CA ALA B 83 20.68 1.76 -31.34
C ALA B 83 20.79 1.53 -32.87
N THR B 84 19.92 0.67 -33.39
CA THR B 84 19.95 0.32 -34.80
C THR B 84 19.14 1.34 -35.59
N GLU B 85 18.42 2.17 -34.87
CA GLU B 85 17.68 3.28 -35.47
C GLU B 85 17.51 4.31 -34.38
N ARG B 86 16.96 5.46 -34.74
CA ARG B 86 16.70 6.50 -33.77
C ARG B 86 15.73 5.96 -32.70
N THR B 87 16.19 5.96 -31.45
CA THR B 87 15.45 5.36 -30.37
C THR B 87 15.34 6.31 -29.18
N GLU B 88 14.13 6.56 -28.73
CA GLU B 88 13.93 7.36 -27.55
C GLU B 88 13.74 6.47 -26.32
N VAL B 89 14.48 6.75 -25.25
CA VAL B 89 14.30 6.01 -24.00
C VAL B 89 13.93 6.92 -22.85
N ARG B 90 13.28 6.31 -21.84
CA ARG B 90 13.08 6.90 -20.53
C ARG B 90 13.95 6.17 -19.50
N PHE B 91 14.61 6.92 -18.64
CA PHE B 91 15.52 6.32 -17.68
C PHE B 91 15.45 6.97 -16.30
N ALA B 92 15.88 6.19 -15.32
CA ALA B 92 16.12 6.64 -13.96
C ALA B 92 17.10 5.64 -13.39
N ASP B 93 17.34 5.71 -12.09
CA ASP B 93 18.31 4.82 -11.48
C ASP B 93 17.62 3.68 -10.77
N ILE B 94 18.35 2.59 -10.53
CA ILE B 94 17.78 1.40 -9.88
C ILE B 94 16.88 1.72 -8.68
N ARG B 95 17.36 2.55 -7.78
CA ARG B 95 16.58 2.94 -6.60
C ARG B 95 15.17 3.42 -7.00
N THR B 96 15.11 4.41 -7.88
CA THR B 96 13.84 5.01 -8.28
C THR B 96 12.93 3.99 -8.95
N PHE B 97 13.52 3.15 -9.78
CA PHE B 97 12.78 2.08 -10.42
C PHE B 97 12.15 1.14 -9.38
N GLU B 98 12.95 0.72 -8.41
CA GLU B 98 12.48 -0.13 -7.33
C GLU B 98 11.26 0.47 -6.66
N GLN B 99 11.37 1.72 -6.22
CA GLN B 99 10.26 2.39 -5.55
C GLN B 99 8.99 2.28 -6.39
N LYS B 100 9.08 2.69 -7.65
CA LYS B 100 7.95 2.63 -8.58
C LYS B 100 7.41 1.20 -8.67
N LEU B 101 8.31 0.22 -8.69
CA LEU B 101 7.90 -1.19 -8.63
C LEU B 101 7.18 -1.55 -7.32
N GLN B 102 7.67 -1.05 -6.18
CA GLN B 102 7.00 -1.38 -4.92
C GLN B 102 5.57 -0.90 -5.00
N THR B 103 5.40 0.26 -5.63
CA THR B 103 4.11 0.95 -5.66
C THR B 103 3.17 0.37 -6.70
N CYS B 104 3.72 -0.37 -7.67
CA CYS B 104 2.94 -0.85 -8.81
C CYS B 104 3.42 -2.21 -9.32
N PRO B 105 3.24 -3.24 -8.51
CA PRO B 105 3.71 -4.61 -8.68
C PRO B 105 3.40 -5.21 -10.05
N SER B 106 2.25 -4.90 -10.61
CA SER B 106 1.89 -5.42 -11.94
C SER B 106 2.95 -5.14 -13.00
N MET B 107 3.72 -4.06 -12.82
CA MET B 107 4.73 -3.68 -13.82
C MET B 107 5.93 -4.64 -13.78
N ALA B 108 6.13 -5.30 -12.65
CA ALA B 108 7.20 -6.31 -12.57
C ALA B 108 7.07 -7.37 -13.67
N TRP B 109 5.87 -7.56 -14.20
CA TRP B 109 5.67 -8.57 -15.24
C TRP B 109 6.45 -8.26 -16.52
N GLY B 110 6.65 -6.97 -16.77
CA GLY B 110 7.45 -6.55 -17.89
C GLY B 110 8.92 -6.84 -17.66
N LEU B 111 9.29 -6.98 -16.39
CA LEU B 111 10.66 -7.34 -16.04
C LEU B 111 10.82 -8.84 -16.26
N ILE B 112 9.87 -9.60 -15.74
CA ILE B 112 9.81 -11.03 -15.96
C ILE B 112 9.85 -11.31 -17.46
N ALA B 113 9.10 -10.53 -18.22
CA ALA B 113 9.07 -10.70 -19.69
C ALA B 113 10.41 -10.45 -20.38
N ILE B 114 10.99 -9.27 -20.18
CA ILE B 114 12.29 -9.04 -20.79
C ILE B 114 13.41 -10.02 -20.34
N LEU B 115 13.52 -10.29 -19.03
CA LEU B 115 14.44 -11.35 -18.58
C LEU B 115 14.11 -12.64 -19.33
N GLY B 116 12.82 -12.98 -19.40
CA GLY B 116 12.35 -14.14 -20.13
C GLY B 116 12.86 -14.29 -21.55
N ARG B 117 12.72 -13.26 -22.39
CA ARG B 117 13.15 -13.36 -23.77
C ARG B 117 14.65 -13.44 -23.84
N ALA B 118 15.31 -12.63 -23.03
CA ALA B 118 16.76 -12.65 -22.97
C ALA B 118 17.22 -14.10 -22.77
N LEU B 119 16.64 -14.76 -21.77
CA LEU B 119 16.94 -16.15 -21.50
C LEU B 119 16.83 -17.05 -22.73
N THR B 120 15.65 -17.08 -23.35
CA THR B 120 15.40 -17.90 -24.54
C THR B 120 16.38 -17.57 -25.68
N SER B 121 16.72 -16.30 -25.83
CA SER B 121 17.61 -15.88 -26.90
C SER B 121 19.01 -16.43 -26.66
N CYS B 122 19.50 -16.25 -25.44
CA CYS B 122 20.81 -16.76 -25.07
C CYS B 122 20.92 -18.27 -25.19
N MET B 123 19.83 -18.99 -24.93
CA MET B 123 19.82 -20.45 -25.05
C MET B 123 20.03 -20.93 -26.48
N ARG B 124 19.26 -20.38 -27.41
CA ARG B 124 19.44 -20.78 -28.80
C ARG B 124 20.84 -20.39 -29.22
N THR B 125 21.27 -19.22 -28.79
CA THR B 125 22.64 -18.79 -29.09
C THR B 125 23.60 -19.93 -28.74
N ILE B 126 23.43 -20.50 -27.55
CA ILE B 126 24.22 -21.63 -27.09
C ILE B 126 24.00 -22.86 -27.97
N GLU B 127 22.77 -23.34 -28.04
CA GLU B 127 22.38 -24.38 -29.00
C GLU B 127 23.01 -24.17 -30.37
N ASP B 128 23.00 -22.93 -30.85
CA ASP B 128 23.64 -22.59 -32.11
C ASP B 128 25.13 -22.81 -31.97
N LEU B 129 25.77 -21.94 -31.19
CA LEU B 129 27.22 -21.93 -31.05
C LEU B 129 27.86 -23.32 -30.98
N MET B 130 27.05 -24.32 -30.67
CA MET B 130 27.59 -25.67 -30.47
C MET B 130 27.62 -26.53 -31.74
N HIS B 131 26.61 -26.40 -32.58
CA HIS B 131 26.61 -27.07 -33.87
C HIS B 131 27.53 -26.26 -34.78
N HIS B 132 28.80 -26.27 -34.38
CA HIS B 132 29.81 -25.34 -34.85
C HIS B 132 31.15 -25.82 -34.33
N PRO C 1 -13.31 18.55 22.17
CA PRO C 1 -14.54 18.39 22.95
C PRO C 1 -14.25 18.10 24.43
N PRO C 2 -15.27 18.25 25.30
CA PRO C 2 -15.12 18.08 26.74
C PRO C 2 -14.76 16.64 27.08
N ARG C 3 -14.15 16.45 28.26
CA ARG C 3 -13.94 15.12 28.78
C ARG C 3 -15.31 14.50 28.99
N PHE C 4 -15.35 13.18 29.08
CA PHE C 4 -16.64 12.51 29.20
C PHE C 4 -16.53 11.40 30.23
N ASN C 5 -17.37 11.45 31.25
CA ASN C 5 -17.42 10.34 32.19
C ASN C 5 -18.67 9.50 31.99
N ILE C 6 -18.50 8.38 31.30
CA ILE C 6 -19.64 7.55 30.95
C ILE C 6 -20.48 7.13 32.18
N ALA C 7 -19.88 7.20 33.37
CA ALA C 7 -20.61 6.86 34.59
C ALA C 7 -21.81 7.78 34.78
N ASN C 8 -21.63 9.08 34.49
CA ASN C 8 -22.71 10.08 34.54
C ASN C 8 -23.95 9.67 33.75
N VAL C 9 -23.74 8.90 32.68
CA VAL C 9 -24.83 8.50 31.81
C VAL C 9 -25.43 7.15 32.23
N LEU C 10 -24.58 6.24 32.70
CA LEU C 10 -25.03 4.90 33.10
C LEU C 10 -25.78 4.93 34.42
N LEU C 11 -25.38 5.81 35.32
CA LEU C 11 -26.07 5.96 36.59
C LEU C 11 -27.43 6.64 36.42
N SER C 12 -27.64 7.33 35.29
CA SER C 12 -28.90 8.06 35.11
C SER C 12 -30.04 7.15 34.66
N PRO C 13 -31.27 7.49 35.05
CA PRO C 13 -32.38 6.62 34.61
C PRO C 13 -32.48 6.52 33.07
N ASP C 14 -31.94 7.50 32.36
CA ASP C 14 -31.89 7.48 30.89
C ASP C 14 -30.96 6.38 30.34
N GLY C 15 -29.71 6.35 30.83
CA GLY C 15 -28.69 5.55 30.21
C GLY C 15 -28.32 4.26 30.93
N GLU C 16 -29.01 3.95 32.03
CA GLU C 16 -28.74 2.72 32.77
C GLU C 16 -28.94 1.49 31.86
N THR C 17 -29.87 1.62 30.92
CA THR C 17 -30.27 0.50 30.08
C THR C 17 -29.49 0.46 28.77
N PHE C 18 -28.59 1.41 28.59
CA PHE C 18 -28.03 1.71 27.26
C PHE C 18 -27.56 0.46 26.54
N PHE C 19 -26.67 -0.29 27.20
CA PHE C 19 -26.03 -1.45 26.59
C PHE C 19 -26.75 -2.78 26.78
N ARG C 20 -28.02 -2.71 27.19
CA ARG C 20 -28.83 -3.91 27.35
C ARG C 20 -28.98 -4.58 25.98
N GLY C 21 -28.65 -5.87 25.93
CA GLY C 21 -28.72 -6.60 24.67
C GLY C 21 -27.43 -6.61 23.86
N PHE C 22 -26.46 -5.77 24.22
CA PHE C 22 -25.13 -5.89 23.60
C PHE C 22 -24.54 -7.23 23.99
N ARG C 23 -24.03 -7.95 23.01
CA ARG C 23 -23.28 -9.17 23.26
C ARG C 23 -21.94 -8.76 23.86
N SER C 24 -21.30 -9.65 24.59
CA SER C 24 -19.93 -9.37 25.01
C SER C 24 -18.96 -10.36 24.38
N LYS C 25 -17.71 -9.92 24.19
CA LYS C 25 -16.64 -10.78 23.72
C LYS C 25 -15.40 -10.47 24.53
N ILE C 26 -14.62 -11.49 24.86
CA ILE C 26 -13.36 -11.30 25.56
C ILE C 26 -12.22 -11.40 24.55
N HIS C 27 -11.26 -10.49 24.67
CA HIS C 27 -10.08 -10.55 23.82
C HIS C 27 -8.88 -10.86 24.68
N ALA C 28 -8.03 -11.77 24.20
CA ALA C 28 -6.84 -12.15 24.96
C ALA C 28 -5.72 -11.17 24.66
N LYS C 29 -4.70 -11.15 25.52
CA LYS C 29 -3.52 -10.33 25.29
C LYS C 29 -2.99 -10.61 23.88
N GLY C 30 -2.61 -9.56 23.16
CA GLY C 30 -2.06 -9.71 21.82
C GLY C 30 -3.10 -9.95 20.75
N SER C 31 -4.33 -10.21 21.16
CA SER C 31 -5.44 -10.42 20.23
C SER C 31 -5.72 -9.20 19.35
N LEU C 32 -6.09 -9.46 18.10
CA LEU C 32 -6.41 -8.39 17.16
C LEU C 32 -7.93 -8.18 17.03
N VAL C 33 -8.39 -7.10 17.65
CA VAL C 33 -9.80 -6.70 17.59
C VAL C 33 -10.20 -6.20 16.19
N CYS C 34 -9.53 -5.15 15.73
CA CYS C 34 -9.79 -4.60 14.40
C CYS C 34 -8.60 -4.76 13.49
N THR C 35 -8.88 -5.29 12.31
CA THR C 35 -7.99 -5.06 11.20
C THR C 35 -8.45 -3.82 10.40
N GLY C 36 -7.54 -3.25 9.61
CA GLY C 36 -7.95 -2.38 8.52
C GLY C 36 -8.82 -3.22 7.60
N GLU C 37 -9.43 -2.62 6.59
CA GLU C 37 -10.39 -3.37 5.80
C GLU C 37 -11.56 -3.80 6.70
N GLY C 38 -11.86 -2.92 7.67
CA GLY C 38 -12.87 -3.19 8.69
C GLY C 38 -14.02 -4.08 8.22
N ASP C 39 -13.70 -5.35 8.03
CA ASP C 39 -14.64 -6.34 7.51
C ASP C 39 -15.92 -6.36 8.35
N GLU C 40 -15.87 -7.03 9.49
CA GLU C 40 -16.96 -6.96 10.46
C GLU C 40 -17.23 -5.51 10.78
N ASN C 41 -18.48 -5.19 11.07
CA ASN C 41 -18.83 -3.81 11.33
C ASN C 41 -19.75 -3.60 12.54
N GLY C 42 -19.66 -2.40 13.11
CA GLY C 42 -20.42 -2.08 14.31
C GLY C 42 -19.59 -1.36 15.37
N VAL C 43 -20.18 -1.24 16.56
CA VAL C 43 -19.59 -0.43 17.62
C VAL C 43 -19.45 -1.24 18.91
N PHE C 44 -18.47 -0.89 19.73
CA PHE C 44 -18.33 -1.55 21.01
C PHE C 44 -17.83 -0.62 22.12
N VAL C 45 -18.02 -1.06 23.37
CA VAL C 45 -17.47 -0.36 24.52
C VAL C 45 -16.52 -1.26 25.28
N VAL C 46 -15.43 -0.67 25.74
CA VAL C 46 -14.51 -1.35 26.63
C VAL C 46 -15.06 -1.43 28.08
N VAL C 47 -15.22 -2.67 28.56
CA VAL C 47 -15.73 -2.96 29.90
C VAL C 47 -14.61 -2.85 30.91
N ASP C 48 -13.52 -3.57 30.64
CA ASP C 48 -12.26 -3.43 31.36
C ASP C 48 -11.17 -4.06 30.52
N GLY C 49 -9.95 -3.56 30.65
CA GLY C 49 -8.88 -4.08 29.85
C GLY C 49 -8.16 -2.91 29.24
N ARG C 50 -7.51 -3.14 28.11
CA ARG C 50 -6.82 -2.07 27.42
C ARG C 50 -6.62 -2.40 25.95
N LEU C 51 -6.93 -1.43 25.08
CA LEU C 51 -6.71 -1.57 23.65
C LEU C 51 -5.76 -0.51 23.11
N ARG C 52 -5.03 -0.87 22.07
CA ARG C 52 -4.14 0.06 21.43
C ARG C 52 -4.66 0.29 20.04
N VAL C 53 -4.93 1.56 19.72
CA VAL C 53 -5.29 1.96 18.37
C VAL C 53 -4.07 2.51 17.66
N TYR C 54 -3.76 1.96 16.50
CA TYR C 54 -2.52 2.32 15.80
C TYR C 54 -2.59 2.16 14.30
N LEU C 55 -1.57 2.68 13.62
CA LEU C 55 -1.41 2.51 12.19
C LEU C 55 -0.05 1.89 11.86
N VAL C 56 0.05 1.24 10.71
CA VAL C 56 1.35 0.72 10.28
C VAL C 56 1.69 1.27 8.90
N GLY C 57 2.98 1.54 8.68
CA GLY C 57 3.44 1.88 7.37
C GLY C 57 4.88 1.45 7.13
N GLU C 58 5.27 1.43 5.85
CA GLU C 58 6.66 1.41 5.45
C GLU C 58 7.52 1.89 6.62
N GLU C 59 8.19 0.96 7.29
CA GLU C 59 9.15 1.27 8.37
C GLU C 59 8.60 1.91 9.65
N ARG C 60 7.69 1.21 10.34
CA ARG C 60 7.25 1.51 11.71
C ARG C 60 5.74 1.54 11.89
N GLU C 61 5.31 1.22 13.11
CA GLU C 61 3.92 1.37 13.51
C GLU C 61 3.81 2.69 14.26
N ILE C 62 2.70 3.40 14.10
CA ILE C 62 2.43 4.58 14.91
C ILE C 62 1.27 4.28 15.83
N SER C 63 1.53 4.27 17.13
CA SER C 63 0.46 4.04 18.09
C SER C 63 -0.33 5.34 18.29
N LEU C 64 -1.66 5.26 18.23
CA LEU C 64 -2.46 6.47 18.29
C LEU C 64 -2.87 6.85 19.70
N PHE C 65 -3.49 5.90 20.40
CA PHE C 65 -4.00 6.15 21.75
C PHE C 65 -4.58 4.83 22.25
N TYR C 66 -5.08 4.81 23.48
CA TYR C 66 -5.53 3.55 24.06
C TYR C 66 -6.98 3.63 24.50
N LEU C 67 -7.68 2.52 24.39
CA LEU C 67 -9.07 2.42 24.79
C LEU C 67 -9.15 1.73 26.12
N THR C 68 -9.45 2.49 27.16
CA THR C 68 -9.54 1.88 28.48
C THR C 68 -11.00 1.68 28.81
N SER C 69 -11.25 1.24 30.05
CA SER C 69 -12.60 0.97 30.51
C SER C 69 -13.49 2.17 30.25
N GLY C 70 -14.63 1.93 29.61
CA GLY C 70 -15.59 2.98 29.34
C GLY C 70 -15.52 3.63 27.96
N ASP C 71 -14.34 3.64 27.34
CA ASP C 71 -14.18 4.20 26.01
C ASP C 71 -14.95 3.39 24.95
N MET C 72 -15.57 4.09 24.00
CA MET C 72 -16.27 3.43 22.90
C MET C 72 -15.51 3.56 21.60
N PHE C 73 -15.76 2.65 20.67
CA PHE C 73 -15.09 2.63 19.38
C PHE C 73 -15.83 1.76 18.36
N CYS C 74 -15.41 1.83 17.10
CA CYS C 74 -16.09 1.14 16.01
C CYS C 74 -15.17 0.16 15.28
N MET C 75 -15.77 -0.69 14.45
CA MET C 75 -15.04 -1.62 13.61
C MET C 75 -14.69 -1.10 12.20
N HIS C 76 -14.91 0.19 11.94
CA HIS C 76 -14.80 0.67 10.57
C HIS C 76 -13.93 1.90 10.37
N SER C 77 -13.10 2.23 11.36
CA SER C 77 -12.29 3.43 11.30
C SER C 77 -11.10 3.27 10.36
N GLY C 78 -10.80 2.03 10.00
CA GLY C 78 -9.65 1.76 9.15
C GLY C 78 -8.37 1.62 9.95
N CYS C 79 -8.45 1.93 11.24
CA CYS C 79 -7.32 1.79 12.16
C CYS C 79 -7.19 0.34 12.61
N LEU C 80 -6.00 -0.02 13.07
CA LEU C 80 -5.82 -1.32 13.72
C LEU C 80 -6.05 -1.20 15.22
N VAL C 81 -6.69 -2.21 15.79
CA VAL C 81 -6.93 -2.21 17.21
C VAL C 81 -6.54 -3.56 17.80
N GLU C 82 -5.59 -3.53 18.72
CA GLU C 82 -5.08 -4.73 19.36
C GLU C 82 -5.22 -4.70 20.90
N ALA C 83 -5.63 -5.83 21.48
CA ALA C 83 -5.64 -5.97 22.92
C ALA C 83 -4.22 -6.04 23.49
N THR C 84 -3.86 -5.10 24.37
CA THR C 84 -2.57 -5.15 25.05
C THR C 84 -2.67 -5.95 26.34
N GLU C 85 -3.91 -6.18 26.80
CA GLU C 85 -4.23 -7.06 27.91
C GLU C 85 -5.52 -7.81 27.59
N ARG C 86 -5.93 -8.67 28.52
CA ARG C 86 -7.23 -9.31 28.45
C ARG C 86 -8.26 -8.21 28.62
N THR C 87 -9.05 -7.98 27.59
CA THR C 87 -10.11 -6.99 27.73
C THR C 87 -11.47 -7.54 27.32
N GLU C 88 -12.50 -7.07 28.02
CA GLU C 88 -13.86 -7.39 27.63
C GLU C 88 -14.43 -6.16 26.97
N VAL C 89 -15.35 -6.39 26.05
CA VAL C 89 -16.01 -5.32 25.34
C VAL C 89 -17.47 -5.71 25.08
N ARG C 90 -18.32 -4.71 24.93
CA ARG C 90 -19.70 -4.98 24.57
C ARG C 90 -19.90 -4.45 23.16
N PHE C 91 -20.42 -5.31 22.30
CA PHE C 91 -20.43 -5.05 20.89
C PHE C 91 -21.87 -5.09 20.44
N ALA C 92 -22.20 -4.23 19.47
CA ALA C 92 -23.48 -4.21 18.81
C ALA C 92 -23.22 -3.70 17.42
N ASP C 93 -24.22 -3.80 16.54
CA ASP C 93 -24.02 -3.35 15.17
C ASP C 93 -24.39 -1.89 15.05
N ILE C 94 -23.89 -1.26 14.00
CA ILE C 94 -24.15 0.15 13.74
C ILE C 94 -25.59 0.54 14.03
N ARG C 95 -26.53 -0.23 13.51
CA ARG C 95 -27.93 0.17 13.59
C ARG C 95 -28.52 0.07 15.00
N THR C 96 -28.11 -0.95 15.76
CA THR C 96 -28.60 -1.10 17.11
C THR C 96 -28.18 0.11 17.91
N PHE C 97 -26.92 0.50 17.73
CA PHE C 97 -26.30 1.56 18.49
C PHE C 97 -26.95 2.89 18.15
N GLU C 98 -27.20 3.09 16.85
CA GLU C 98 -27.91 4.25 16.34
C GLU C 98 -29.26 4.42 17.03
N GLN C 99 -30.00 3.32 17.18
CA GLN C 99 -31.29 3.34 17.87
C GLN C 99 -31.10 3.82 19.30
N LYS C 100 -30.20 3.15 20.04
CA LYS C 100 -29.91 3.50 21.43
C LYS C 100 -29.46 4.97 21.56
N LEU C 101 -28.50 5.39 20.74
CA LEU C 101 -28.08 6.79 20.78
C LEU C 101 -29.27 7.74 20.69
N GLN C 102 -30.36 7.29 20.12
CA GLN C 102 -31.53 8.13 19.94
C GLN C 102 -32.44 8.24 21.16
N THR C 103 -32.46 7.21 22.00
CA THR C 103 -33.25 7.28 23.22
C THR C 103 -32.42 7.72 24.44
N CYS C 104 -31.13 7.93 24.20
CA CYS C 104 -30.24 8.42 25.25
C CYS C 104 -29.16 9.27 24.59
N PRO C 105 -29.55 10.47 24.18
CA PRO C 105 -28.69 11.36 23.38
C PRO C 105 -27.45 11.81 24.15
N SER C 106 -27.50 11.70 25.46
CA SER C 106 -26.37 12.12 26.30
C SER C 106 -25.15 11.21 26.09
N MET C 107 -25.39 9.96 25.67
CA MET C 107 -24.32 9.04 25.36
C MET C 107 -23.48 9.49 24.15
N ALA C 108 -24.03 10.37 23.33
CA ALA C 108 -23.32 10.87 22.15
C ALA C 108 -22.02 11.60 22.53
N TRP C 109 -21.97 12.16 23.73
CA TRP C 109 -20.75 12.84 24.20
C TRP C 109 -19.55 11.92 24.39
N GLY C 110 -19.81 10.63 24.51
CA GLY C 110 -18.73 9.67 24.54
C GLY C 110 -18.17 9.42 23.15
N LEU C 111 -19.07 9.48 22.18
CA LEU C 111 -18.72 9.37 20.78
C LEU C 111 -17.95 10.62 20.36
N ILE C 112 -18.49 11.77 20.75
CA ILE C 112 -17.83 13.04 20.48
C ILE C 112 -16.43 13.03 21.09
N ALA C 113 -16.32 12.46 22.28
CA ALA C 113 -15.08 12.55 23.03
C ALA C 113 -13.99 11.66 22.42
N ILE C 114 -14.34 10.43 22.09
CA ILE C 114 -13.36 9.51 21.51
C ILE C 114 -12.87 9.99 20.14
N LEU C 115 -13.77 10.63 19.39
CA LEU C 115 -13.39 11.33 18.17
C LEU C 115 -12.42 12.46 18.48
N GLY C 116 -12.67 13.19 19.56
CA GLY C 116 -11.77 14.26 19.95
C GLY C 116 -10.38 13.72 20.27
N ARG C 117 -10.35 12.61 21.00
CA ARG C 117 -9.09 12.03 21.44
C ARG C 117 -8.32 11.57 20.21
N ALA C 118 -8.93 10.66 19.46
CA ALA C 118 -8.38 10.24 18.18
C ALA C 118 -7.84 11.46 17.42
N LEU C 119 -8.67 12.50 17.29
CA LEU C 119 -8.31 13.67 16.48
C LEU C 119 -7.09 14.46 16.98
N THR C 120 -6.99 14.68 18.29
CA THR C 120 -5.81 15.38 18.80
C THR C 120 -4.56 14.52 18.56
N SER C 121 -4.74 13.21 18.72
CA SER C 121 -3.62 12.29 18.60
C SER C 121 -3.08 12.31 17.18
N CYS C 122 -3.98 12.26 16.21
CA CYS C 122 -3.56 12.32 14.81
C CYS C 122 -2.82 13.60 14.47
N MET C 123 -3.23 14.72 15.07
CA MET C 123 -2.59 15.99 14.84
C MET C 123 -1.25 16.04 15.56
N ARG C 124 -1.26 15.63 16.82
CA ARG C 124 -0.03 15.48 17.57
C ARG C 124 0.95 14.64 16.76
N THR C 125 0.42 13.69 16.00
CA THR C 125 1.25 12.75 15.23
C THR C 125 1.81 13.38 13.95
N ILE C 126 0.99 14.15 13.25
CA ILE C 126 1.40 14.79 12.02
C ILE C 126 2.51 15.81 12.30
N GLU C 127 2.40 16.52 13.42
CA GLU C 127 3.43 17.48 13.80
C GLU C 127 4.77 16.77 13.97
N ASP C 128 4.72 15.62 14.66
CA ASP C 128 5.91 14.84 14.95
C ASP C 128 6.53 14.29 13.67
N LEU C 129 5.71 13.98 12.67
CA LEU C 129 6.21 13.40 11.43
C LEU C 129 7.00 14.41 10.60
N MET C 130 6.67 15.69 10.74
CA MET C 130 7.60 16.74 10.36
C MET C 130 8.48 17.00 11.57
N HIS C 131 9.57 17.73 11.40
CA HIS C 131 10.55 17.83 12.47
C HIS C 131 11.15 16.45 12.62
N HIS C 132 11.27 15.75 11.50
CA HIS C 132 11.62 14.34 11.49
C HIS C 132 11.81 13.86 10.06
N PRO D 1 -18.06 8.35 11.56
CA PRO D 1 -19.47 8.65 11.89
C PRO D 1 -20.25 9.05 10.63
N PRO D 2 -21.60 8.97 10.70
CA PRO D 2 -22.53 9.20 9.57
C PRO D 2 -22.53 10.66 9.08
N ARG D 3 -22.83 10.86 7.80
CA ARG D 3 -22.90 12.23 7.26
C ARG D 3 -24.20 12.91 7.74
N PHE D 4 -24.16 14.25 7.75
CA PHE D 4 -25.13 15.05 8.49
C PHE D 4 -25.61 16.19 7.62
N ASN D 5 -26.90 16.51 7.71
CA ASN D 5 -27.46 17.67 7.02
C ASN D 5 -28.08 18.62 8.01
N ILE D 6 -27.48 19.80 8.14
CA ILE D 6 -27.85 20.68 9.23
C ILE D 6 -29.27 21.25 9.08
N ALA D 7 -29.76 21.27 7.84
CA ALA D 7 -31.10 21.78 7.55
C ALA D 7 -32.22 20.91 8.13
N ASN D 8 -32.01 19.60 8.16
CA ASN D 8 -32.90 18.67 8.85
C ASN D 8 -33.18 19.09 10.28
N VAL D 9 -32.16 19.57 10.97
CA VAL D 9 -32.33 20.01 12.35
C VAL D 9 -32.97 21.40 12.39
N LEU D 10 -32.55 22.26 11.46
CA LEU D 10 -32.95 23.66 11.46
C LEU D 10 -34.41 23.89 11.05
N LEU D 11 -34.88 23.12 10.05
CA LEU D 11 -36.30 23.13 9.64
C LEU D 11 -37.17 22.49 10.70
N SER D 12 -36.62 21.47 11.38
CA SER D 12 -37.24 20.85 12.54
C SER D 12 -37.62 21.88 13.60
N PRO D 13 -38.88 21.85 14.08
CA PRO D 13 -39.32 22.81 15.10
C PRO D 13 -38.44 22.79 16.36
N ASP D 14 -37.82 21.64 16.63
CA ASP D 14 -36.94 21.48 17.78
C ASP D 14 -35.65 22.27 17.65
N GLY D 15 -35.21 22.48 16.41
CA GLY D 15 -33.91 23.06 16.14
C GLY D 15 -33.91 24.43 15.49
N GLU D 16 -35.07 24.97 15.15
CA GLU D 16 -35.09 26.25 14.43
C GLU D 16 -34.43 27.41 15.22
N THR D 17 -34.56 27.39 16.54
CA THR D 17 -34.07 28.46 17.40
C THR D 17 -32.65 28.24 17.91
N PHE D 18 -31.94 27.28 17.33
CA PHE D 18 -30.64 26.90 17.84
C PHE D 18 -29.67 28.08 17.91
N PHE D 19 -29.49 28.77 16.79
CA PHE D 19 -28.50 29.82 16.74
C PHE D 19 -29.05 31.19 17.15
N ARG D 20 -30.27 31.21 17.67
CA ARG D 20 -30.81 32.43 18.24
C ARG D 20 -29.74 32.97 19.17
N GLY D 21 -29.39 34.24 19.03
CA GLY D 21 -28.44 34.85 19.94
C GLY D 21 -26.95 34.70 19.63
N PHE D 22 -26.57 33.73 18.81
CA PHE D 22 -25.21 33.70 18.27
C PHE D 22 -24.94 35.05 17.59
N ARG D 23 -23.68 35.45 17.56
CA ARG D 23 -23.26 36.66 16.85
C ARG D 23 -22.97 36.29 15.41
N SER D 24 -22.87 37.31 14.56
CA SER D 24 -22.59 37.10 13.15
C SER D 24 -21.38 37.95 12.77
N LYS D 25 -20.54 37.42 11.91
CA LYS D 25 -19.26 38.03 11.66
C LYS D 25 -18.71 37.57 10.31
N ILE D 26 -18.03 38.49 9.62
CA ILE D 26 -17.56 38.26 8.26
C ILE D 26 -16.03 38.30 8.21
N HIS D 27 -15.45 37.24 7.65
CA HIS D 27 -14.01 37.12 7.49
C HIS D 27 -13.62 37.31 6.04
N ALA D 28 -12.56 38.09 5.84
CA ALA D 28 -12.11 38.51 4.52
C ALA D 28 -11.22 37.46 3.89
N LYS D 29 -11.44 37.18 2.62
CA LYS D 29 -10.54 36.30 1.89
C LYS D 29 -9.11 36.55 2.37
N GLY D 30 -8.47 35.51 2.87
CA GLY D 30 -7.07 35.58 3.24
C GLY D 30 -6.87 35.76 4.73
N SER D 31 -7.93 36.18 5.43
CA SER D 31 -7.83 36.34 6.86
C SER D 31 -7.61 34.98 7.53
N LEU D 32 -6.80 35.03 8.57
CA LEU D 32 -6.57 33.89 9.44
C LEU D 32 -7.65 33.96 10.49
N VAL D 33 -8.57 33.00 10.46
CA VAL D 33 -9.67 32.96 11.40
C VAL D 33 -9.17 32.33 12.72
N CYS D 34 -8.29 31.35 12.58
CA CYS D 34 -7.74 30.67 13.72
C CYS D 34 -6.21 30.72 13.72
N THR D 35 -5.65 31.01 14.89
CA THR D 35 -4.22 31.28 14.96
C THR D 35 -3.41 30.23 15.71
N GLY D 36 -4.03 29.59 16.71
CA GLY D 36 -3.35 28.60 17.52
C GLY D 36 -2.67 29.21 18.73
N GLU D 37 -2.28 30.47 18.60
CA GLU D 37 -1.75 31.25 19.72
C GLU D 37 -2.90 31.85 20.51
N GLY D 38 -3.29 33.07 20.11
CA GLY D 38 -4.30 33.85 20.81
C GLY D 38 -5.26 32.99 21.62
N ASP D 39 -5.38 33.31 22.90
CA ASP D 39 -6.18 32.51 23.84
C ASP D 39 -7.69 32.63 23.59
N GLU D 40 -8.06 32.69 22.31
CA GLU D 40 -9.45 32.81 21.91
C GLU D 40 -10.16 31.47 22.10
N ASN D 41 -11.48 31.52 22.25
CA ASN D 41 -12.26 30.30 22.32
C ASN D 41 -13.73 30.52 22.02
N GLY D 42 -14.40 29.44 21.63
CA GLY D 42 -15.78 29.51 21.19
C GLY D 42 -15.98 28.64 19.97
N VAL D 43 -17.24 28.31 19.71
CA VAL D 43 -17.61 27.54 18.56
C VAL D 43 -18.15 28.44 17.46
N PHE D 44 -18.09 27.99 16.22
CA PHE D 44 -18.80 28.69 15.17
C PHE D 44 -19.30 27.73 14.12
N VAL D 45 -20.25 28.20 13.31
CA VAL D 45 -20.72 27.46 12.16
C VAL D 45 -20.58 28.37 10.95
N VAL D 46 -20.11 27.82 9.85
CA VAL D 46 -20.01 28.59 8.62
C VAL D 46 -21.39 28.81 8.03
N VAL D 47 -21.72 30.08 7.79
CA VAL D 47 -22.99 30.42 7.19
C VAL D 47 -22.88 30.30 5.69
N ASP D 48 -21.73 30.70 5.13
CA ASP D 48 -21.53 30.73 3.69
C ASP D 48 -20.11 31.12 3.44
N GLY D 49 -19.44 30.44 2.52
CA GLY D 49 -18.05 30.72 2.24
C GLY D 49 -17.24 29.45 2.40
N ARG D 50 -15.96 29.61 2.75
CA ARG D 50 -15.06 28.49 2.73
C ARG D 50 -13.85 28.77 3.60
N LEU D 51 -13.47 27.80 4.41
CA LEU D 51 -12.35 27.95 5.33
C LEU D 51 -11.40 26.78 5.14
N ARG D 52 -10.11 27.04 5.35
CA ARG D 52 -9.10 26.03 5.16
C ARG D 52 -8.45 25.75 6.51
N VAL D 53 -8.59 24.53 6.99
CA VAL D 53 -7.98 24.14 8.26
C VAL D 53 -6.65 23.47 7.94
N TYR D 54 -5.60 23.88 8.64
CA TYR D 54 -4.25 23.41 8.29
C TYR D 54 -3.24 23.43 9.44
N LEU D 55 -2.04 22.91 9.17
CA LEU D 55 -0.97 22.85 10.16
C LEU D 55 0.35 23.35 9.60
N VAL D 56 1.21 23.86 10.50
CA VAL D 56 2.55 24.29 10.15
C VAL D 56 3.58 23.66 11.08
N GLY D 57 4.84 23.68 10.67
CA GLY D 57 5.94 23.19 11.49
C GLY D 57 7.20 22.88 10.70
N GLU D 58 8.25 23.66 10.95
CA GLU D 58 9.48 23.61 10.15
C GLU D 58 9.23 23.97 8.68
N GLU D 59 8.88 25.23 8.43
CA GLU D 59 8.73 25.73 7.07
C GLU D 59 7.77 24.87 6.27
N ARG D 60 6.55 24.69 6.77
CA ARG D 60 5.63 23.78 6.09
C ARG D 60 4.17 23.95 6.49
N GLU D 61 3.31 24.14 5.49
CA GLU D 61 1.86 24.11 5.65
C GLU D 61 1.30 22.83 5.04
N ILE D 62 0.40 22.17 5.78
CA ILE D 62 -0.33 21.05 5.21
C ILE D 62 -1.82 21.24 5.40
N SER D 63 -2.57 21.18 4.30
CA SER D 63 -4.02 21.34 4.35
C SER D 63 -4.67 20.05 4.83
N LEU D 64 -5.29 20.10 6.00
CA LEU D 64 -6.01 18.95 6.54
C LEU D 64 -7.36 18.75 5.82
N PHE D 65 -8.18 19.80 5.80
CA PHE D 65 -9.50 19.73 5.19
C PHE D 65 -10.14 21.11 5.10
N TYR D 66 -11.33 21.19 4.52
CA TYR D 66 -12.02 22.47 4.37
C TYR D 66 -13.39 22.52 5.04
N LEU D 67 -13.78 23.72 5.48
CA LEU D 67 -15.10 23.99 6.05
C LEU D 67 -15.96 24.81 5.08
N THR D 68 -17.20 24.38 4.87
CA THR D 68 -18.10 25.14 4.03
C THR D 68 -19.40 25.38 4.76
N SER D 69 -20.35 25.97 4.04
CA SER D 69 -21.62 26.33 4.65
C SER D 69 -22.19 25.16 5.41
N GLY D 70 -22.47 25.38 6.68
CA GLY D 70 -23.11 24.38 7.51
C GLY D 70 -22.17 23.75 8.51
N ASP D 71 -20.89 23.62 8.14
CA ASP D 71 -19.88 23.04 9.01
C ASP D 71 -19.64 23.87 10.28
N MET D 72 -19.54 23.17 11.41
CA MET D 72 -19.19 23.81 12.67
C MET D 72 -17.75 23.48 13.01
N PHE D 73 -17.16 24.33 13.84
CA PHE D 73 -15.77 24.18 14.22
C PHE D 73 -15.47 25.14 15.36
N CYS D 74 -14.35 24.92 16.02
CA CYS D 74 -14.06 25.62 17.26
C CYS D 74 -12.82 26.48 17.15
N MET D 75 -12.53 27.21 18.22
CA MET D 75 -11.39 28.12 18.24
C MET D 75 -10.19 27.54 19.01
N HIS D 76 -10.32 26.32 19.51
CA HIS D 76 -9.29 25.76 20.37
C HIS D 76 -8.75 24.43 19.89
N SER D 77 -8.94 24.14 18.60
CA SER D 77 -8.47 22.88 18.04
C SER D 77 -6.95 22.81 18.13
N GLY D 78 -6.30 23.92 17.81
CA GLY D 78 -4.85 23.91 17.71
C GLY D 78 -4.38 24.07 16.29
N CYS D 79 -5.33 24.03 15.34
CA CYS D 79 -5.00 24.25 13.92
C CYS D 79 -5.14 25.72 13.55
N LEU D 80 -4.53 26.04 12.41
CA LEU D 80 -4.75 27.32 11.78
C LEU D 80 -5.96 27.20 10.87
N VAL D 81 -6.73 28.29 10.79
CA VAL D 81 -7.90 28.34 9.94
C VAL D 81 -7.97 29.65 9.18
N GLU D 82 -8.05 29.52 7.85
CA GLU D 82 -7.93 30.66 6.96
C GLU D 82 -9.14 30.72 6.05
N ALA D 83 -9.72 31.89 5.91
CA ALA D 83 -10.76 32.09 4.90
C ALA D 83 -10.10 32.07 3.54
N THR D 84 -10.47 31.11 2.71
CA THR D 84 -9.97 31.10 1.34
C THR D 84 -10.86 31.97 0.44
N GLU D 85 -11.88 32.56 1.05
CA GLU D 85 -12.75 33.50 0.37
C GLU D 85 -13.63 34.15 1.43
N ARG D 86 -14.24 35.27 1.07
CA ARG D 86 -15.05 35.98 2.03
C ARG D 86 -16.03 35.01 2.68
N THR D 87 -15.99 34.92 4.02
CA THR D 87 -16.78 33.91 4.70
C THR D 87 -17.64 34.52 5.80
N GLU D 88 -18.92 34.17 5.85
CA GLU D 88 -19.74 34.51 7.02
C GLU D 88 -19.84 33.36 8.04
N VAL D 89 -19.87 33.71 9.33
CA VAL D 89 -20.08 32.72 10.39
C VAL D 89 -21.02 33.23 11.48
N ARG D 90 -21.73 32.32 12.10
CA ARG D 90 -22.41 32.61 13.35
C ARG D 90 -21.51 32.07 14.44
N PHE D 91 -21.34 32.82 15.51
CA PHE D 91 -20.48 32.31 16.57
C PHE D 91 -20.95 32.67 17.96
N ALA D 92 -20.61 31.82 18.91
CA ALA D 92 -20.77 32.08 20.33
C ALA D 92 -19.69 31.34 21.12
N ASP D 93 -19.70 31.55 22.43
CA ASP D 93 -18.72 30.95 23.31
C ASP D 93 -19.04 29.48 23.57
N ILE D 94 -18.08 28.77 24.14
CA ILE D 94 -18.29 27.38 24.54
C ILE D 94 -19.59 27.16 25.30
N ARG D 95 -19.83 27.92 26.36
CA ARG D 95 -20.97 27.61 27.22
C ARG D 95 -22.30 27.76 26.50
N THR D 96 -22.48 28.85 25.76
CA THR D 96 -23.74 29.07 25.05
C THR D 96 -23.97 27.91 24.11
N PHE D 97 -22.90 27.47 23.46
CA PHE D 97 -23.01 26.39 22.50
C PHE D 97 -23.34 25.07 23.18
N GLU D 98 -22.61 24.76 24.25
CA GLU D 98 -22.89 23.56 25.04
C GLU D 98 -24.32 23.58 25.59
N GLN D 99 -24.76 24.74 26.06
CA GLN D 99 -26.12 24.90 26.54
C GLN D 99 -27.14 24.59 25.44
N LYS D 100 -26.96 25.16 24.25
CA LYS D 100 -27.88 24.92 23.17
C LYS D 100 -27.92 23.44 22.71
N LEU D 101 -26.80 22.73 22.82
CA LEU D 101 -26.77 21.29 22.51
C LEU D 101 -27.53 20.42 23.53
N GLN D 102 -27.51 20.83 24.80
CA GLN D 102 -28.24 20.11 25.81
C GLN D 102 -29.71 20.00 25.42
N THR D 103 -30.23 21.05 24.78
CA THR D 103 -31.67 21.16 24.56
C THR D 103 -32.09 20.89 23.11
N CYS D 104 -31.13 20.70 22.22
CA CYS D 104 -31.42 20.28 20.86
C CYS D 104 -30.34 19.32 20.45
N PRO D 105 -30.42 18.10 20.95
CA PRO D 105 -29.40 17.05 20.93
C PRO D 105 -29.16 16.58 19.50
N SER D 106 -30.19 16.74 18.67
CA SER D 106 -30.13 16.37 17.26
C SER D 106 -28.98 17.08 16.55
N MET D 107 -28.61 18.26 17.03
CA MET D 107 -27.55 19.05 16.41
C MET D 107 -26.15 18.48 16.66
N ALA D 108 -26.00 17.76 17.77
CA ALA D 108 -24.69 17.22 18.15
C ALA D 108 -24.09 16.27 17.08
N TRP D 109 -24.97 15.70 16.25
CA TRP D 109 -24.49 14.85 15.17
C TRP D 109 -23.64 15.61 14.19
N GLY D 110 -23.81 16.94 14.20
CA GLY D 110 -23.04 17.79 13.33
C GLY D 110 -21.64 17.96 13.87
N LEU D 111 -21.55 18.16 15.19
CA LEU D 111 -20.27 18.16 15.86
C LEU D 111 -19.61 16.80 15.61
N ILE D 112 -20.41 15.73 15.70
CA ILE D 112 -19.90 14.39 15.45
C ILE D 112 -19.38 14.25 14.03
N ALA D 113 -20.18 14.65 13.07
CA ALA D 113 -19.82 14.46 11.67
C ALA D 113 -18.53 15.21 11.35
N ILE D 114 -18.42 16.43 11.87
CA ILE D 114 -17.26 17.21 11.54
C ILE D 114 -16.01 16.64 12.17
N LEU D 115 -16.12 16.10 13.38
CA LEU D 115 -14.94 15.50 13.99
C LEU D 115 -14.54 14.26 13.20
N GLY D 116 -15.53 13.51 12.73
CA GLY D 116 -15.30 12.32 11.92
C GLY D 116 -14.58 12.58 10.60
N ARG D 117 -14.81 13.76 10.03
CA ARG D 117 -14.26 14.11 8.74
C ARG D 117 -12.83 14.63 8.93
N ALA D 118 -12.67 15.46 9.95
CA ALA D 118 -11.35 15.90 10.38
C ALA D 118 -10.44 14.71 10.68
N LEU D 119 -10.99 13.69 11.34
CA LEU D 119 -10.24 12.50 11.68
C LEU D 119 -9.83 11.71 10.43
N THR D 120 -10.79 11.42 9.57
CA THR D 120 -10.48 10.72 8.32
C THR D 120 -9.42 11.46 7.49
N SER D 121 -9.55 12.78 7.37
CA SER D 121 -8.60 13.56 6.59
C SER D 121 -7.21 13.48 7.20
N CYS D 122 -7.13 13.59 8.51
CA CYS D 122 -5.87 13.48 9.24
C CYS D 122 -5.25 12.11 9.06
N MET D 123 -6.08 11.08 8.93
CA MET D 123 -5.56 9.74 8.76
C MET D 123 -4.96 9.56 7.38
N ARG D 124 -5.78 9.75 6.36
CA ARG D 124 -5.27 9.73 4.99
C ARG D 124 -4.00 10.58 4.89
N THR D 125 -3.97 11.70 5.60
CA THR D 125 -2.80 12.56 5.60
C THR D 125 -1.58 11.92 6.27
N ILE D 126 -1.81 11.11 7.30
CA ILE D 126 -0.71 10.43 7.99
C ILE D 126 -0.08 9.33 7.13
N GLU D 127 -0.89 8.62 6.37
CA GLU D 127 -0.37 7.58 5.51
C GLU D 127 0.58 8.19 4.47
N ASP D 128 0.11 9.23 3.79
CA ASP D 128 0.92 9.88 2.76
C ASP D 128 2.26 10.33 3.30
N LEU D 129 2.26 10.79 4.55
CA LEU D 129 3.50 11.17 5.21
C LEU D 129 4.47 10.01 5.36
N MET D 130 3.95 8.82 5.68
CA MET D 130 4.78 7.63 5.78
C MET D 130 5.52 7.44 4.47
N HIS D 131 4.74 7.36 3.40
CA HIS D 131 5.28 7.15 2.06
C HIS D 131 6.25 8.25 1.62
N HIS D 132 7.46 8.18 2.16
CA HIS D 132 8.62 8.92 1.68
C HIS D 132 9.73 8.93 2.72
CHA HEM E . 7.46 -19.65 -22.78
CHB HEM E . 11.05 -19.84 -19.54
CHC HEM E . 7.75 -19.68 -16.01
CHD HEM E . 4.16 -18.92 -19.25
C1A HEM E . 8.69 -19.78 -22.19
C2A HEM E . 9.93 -20.06 -22.89
C3A HEM E . 10.92 -20.12 -21.99
C4A HEM E . 10.33 -19.87 -20.70
CMA HEM E . 12.43 -20.40 -22.25
CAA HEM E . 10.07 -20.27 -24.42
CBA HEM E . 10.17 -21.76 -24.72
CGA HEM E . 10.61 -21.94 -26.15
O1A HEM E . 9.74 -22.29 -27.01
O2A HEM E . 11.83 -21.73 -26.40
C1B HEM E . 10.47 -19.85 -18.31
C2B HEM E . 11.18 -19.96 -17.07
C3B HEM E . 10.29 -19.93 -16.09
C4B HEM E . 8.97 -19.77 -16.68
CMB HEM E . 12.71 -20.13 -16.91
CAB HEM E . 10.65 -20.04 -14.58
CBB HEM E . 9.69 -20.15 -13.64
C1C HEM E . 6.53 -19.34 -16.58
C2C HEM E . 5.35 -18.90 -15.86
C3C HEM E . 4.37 -18.67 -16.75
C4C HEM E . 4.87 -18.99 -18.07
CMC HEM E . 5.22 -18.68 -14.35
CAC HEM E . 2.94 -18.18 -16.39
CBC HEM E . 2.10 -17.78 -17.35
C1D HEM E . 4.72 -18.97 -20.51
C2D HEM E . 4.04 -18.62 -21.74
C3D HEM E . 5.09 -18.86 -22.85
C4D HEM E . 6.28 -19.32 -22.15
CMD HEM E . 2.60 -18.11 -21.91
CAD HEM E . 4.95 -18.64 -24.37
CBD HEM E . 4.31 -17.28 -24.64
CGD HEM E . 5.36 -16.34 -25.21
O1D HEM E . 5.98 -15.60 -24.40
O2D HEM E . 5.55 -16.34 -26.47
NA HEM E . 8.97 -19.67 -20.84
NB HEM E . 9.12 -19.72 -18.04
NC HEM E . 6.19 -19.39 -17.93
ND HEM E . 6.01 -19.39 -20.79
FE HEM E . 7.51 -19.45 -19.33
CHA HEM F . 22.84 -8.32 -11.23
CHB HEM F . 20.32 -8.27 -15.39
CHC HEM F . 17.10 -5.15 -13.46
CHD HEM F . 19.66 -5.21 -9.30
C1A HEM F . 22.44 -8.56 -12.54
C2A HEM F . 23.13 -9.42 -13.49
C3A HEM F . 22.44 -9.40 -14.63
C4A HEM F . 21.28 -8.53 -14.43
CMA HEM F . 22.78 -10.16 -15.94
CAA HEM F . 24.46 -10.21 -13.25
CBA HEM F . 25.57 -9.30 -12.72
CGA HEM F . 26.89 -9.56 -13.42
O1A HEM F . 26.92 -9.76 -14.67
O2A HEM F . 27.94 -9.56 -12.72
C1B HEM F . 19.26 -7.41 -15.23
C2B HEM F . 18.36 -6.99 -16.28
C3B HEM F . 17.47 -6.13 -15.78
C4B HEM F . 17.77 -5.96 -14.37
CMB HEM F . 18.38 -7.45 -17.75
CAB HEM F . 16.33 -5.47 -16.61
CBB HEM F . 15.63 -4.46 -16.10
C1C HEM F . 17.50 -4.98 -12.14
C2C HEM F . 16.74 -4.30 -11.12
C3C HEM F . 17.45 -4.32 -9.98
C4C HEM F . 18.68 -5.02 -10.25
CMC HEM F . 15.35 -3.66 -11.33
CAC HEM F . 17.12 -3.77 -8.57
CBC HEM F . 15.87 -3.43 -8.23
C1D HEM F . 20.70 -6.08 -9.39
C2D HEM F . 21.53 -6.50 -8.29
C3D HEM F . 22.52 -7.47 -8.90
C4D HEM F . 22.19 -7.55 -10.30
CMD HEM F . 21.44 -6.06 -6.81
CAD HEM F . 23.63 -8.25 -8.18
CBD HEM F . 22.94 -9.49 -7.61
CGD HEM F . 23.93 -10.27 -6.78
O1D HEM F . 24.52 -11.25 -7.32
O2D HEM F . 24.13 -9.90 -5.60
NA HEM F . 21.31 -8.04 -13.14
NB HEM F . 18.87 -6.75 -14.08
NC HEM F . 18.69 -5.41 -11.57
ND HEM F . 21.12 -6.71 -10.56
FE HEM F . 19.93 -6.76 -12.33
CHA HEM G . -17.34 6.51 8.09
CHB HEM G . -14.90 6.75 12.27
CHC HEM G . -18.94 5.60 14.70
CHD HEM G . -21.42 5.52 10.48
C1A HEM G . -16.34 6.62 9.03
C2A HEM G . -14.94 6.81 8.71
C3A HEM G . -14.26 6.89 9.85
C4A HEM G . -15.21 6.73 10.94
CMA HEM G . -12.74 7.09 10.01
CAA HEM G . -14.40 6.94 7.28
CBA HEM G . -13.36 5.84 6.99
CGA HEM G . -12.73 6.14 5.65
O1A HEM G . -13.49 6.36 4.66
O2A HEM G . -11.47 6.16 5.59
C1B HEM G . -15.77 6.44 13.28
C2B HEM G . -15.43 6.34 14.69
C3B HEM G . -16.51 6.00 15.38
C4B HEM G . -17.62 5.92 14.44
CMB HEM G . -14.01 6.55 15.29
CAB HEM G . -16.50 5.81 16.92
CBB HEM G . -17.45 5.07 17.55
C1C HEM G . -19.96 5.55 13.76
C2C HEM G . -21.38 5.44 14.04
C3C HEM G . -22.02 5.39 12.87
C4C HEM G . -21.06 5.52 11.80
CMC HEM G . -22.01 5.34 15.45
CAC HEM G . -23.54 5.32 12.57
CBC HEM G . -24.42 5.96 13.34
C1D HEM G . -20.57 5.77 9.44
C2D HEM G . -20.96 5.81 8.07
C3D HEM G . -19.65 6.12 7.32
C4D HEM G . -18.65 6.24 8.34
CMD HEM G . -22.39 5.59 7.50
CAD HEM G . -19.40 6.31 5.81
CBD HEM G . -20.37 7.35 5.26
CGD HEM G . -19.57 8.57 4.89
O1D HEM G . -20.16 9.50 4.29
O2D HEM G . -18.35 8.61 5.20
NA HEM G . -16.48 6.57 10.40
NB HEM G . -17.12 6.18 13.17
NC HEM G . -19.80 5.60 12.38
ND HEM G . -19.22 6.03 9.58
FE HEM G . -18.17 6.00 11.38
CHA HEM H . -9.80 20.10 23.74
CHB HEM H . -11.07 19.83 19.04
CHC HEM H . -15.53 21.43 20.17
CHD HEM H . -14.29 21.59 24.88
C1A HEM H . -9.75 19.93 22.38
C2A HEM H . -8.57 19.60 21.62
C3A HEM H . -8.91 19.51 20.33
C4A HEM H . -10.33 19.81 20.22
CMA HEM H . -7.97 19.16 19.15
CAA HEM H . -7.15 19.35 22.21
CBA HEM H . -6.27 20.61 22.10
CGA HEM H . -4.85 20.24 21.71
O1A HEM H . -4.65 19.37 20.81
O2A HEM H . -3.90 20.84 22.27
C1B HEM H . -12.35 20.29 18.92
C2B HEM H . -13.07 20.55 17.70
C3B HEM H . -14.28 21.00 18.01
C4B HEM H . -14.42 21.03 19.45
CMB HEM H . -12.53 20.36 16.26
CAB HEM H . -15.36 21.39 16.99
CBB HEM H . -16.41 22.13 17.39
C1C HEM H . -15.60 21.59 21.56
C2C HEM H . -16.76 21.95 22.35
C3C HEM H . -16.38 21.99 23.64
C4C HEM H . -14.99 21.64 23.70
CMC HEM H . -18.17 22.26 21.77
CAC HEM H . -17.18 22.31 24.93
CBC HEM H . -18.52 22.33 24.98
C1D HEM H . -12.98 21.18 25.02
C2D HEM H . -12.32 21.01 26.30
C3D HEM H . -10.90 20.54 25.95
C4D HEM H . -10.87 20.48 24.49
CMD HEM H . -12.94 21.27 27.69
CAD HEM H . -9.75 20.21 26.93
CBD HEM H . -9.97 18.82 27.54
CGD HEM H . -9.05 17.83 26.87
O1D HEM H . -9.51 16.70 26.61
O2D HEM H . -7.86 18.16 26.58
NA HEM H . -10.82 20.06 21.49
NB HEM H . -13.21 20.59 19.97
NC HEM H . -14.54 21.40 22.42
ND HEM H . -12.11 20.86 23.99
FE HEM H . -12.73 20.75 21.91
#